data_8E8J
#
_entry.id   8E8J
#
_cell.length_a   98.019
_cell.length_b   98.019
_cell.length_c   81.849
_cell.angle_alpha   90.000
_cell.angle_beta   90.000
_cell.angle_gamma   120.000
#
_symmetry.space_group_name_H-M   'P 61'
#
loop_
_entity.id
_entity.type
_entity.pdbx_description
1 polymer 'DNA polymerase eta'
2 polymer "DNA (5'-D(*CP*AP*TP*TP*CP*TP*GP*AP*CP*GP*CP*T)-3')"
3 polymer "DNA/RNA (5'-D(*AP*GP*CP*GP*TP*CP*A)-R(P*G)-3')"
4 non-polymer 'MAGNESIUM ION'
5 non-polymer "2'-deoxy-5'-O-[(R)-hydroxy{[(R)-hydroxy(phosphonooxy)phosphoryl]amino}phosphoryl]guanosine"
6 water water
#
loop_
_entity_poly.entity_id
_entity_poly.type
_entity_poly.pdbx_seq_one_letter_code
_entity_poly.pdbx_strand_id
1 'polypeptide(L)'
;GPHMATGQDRVVALVDMDCFFVQVEQRQNPHLRNKPCAVVQYKSWKGGGIIAVSYEARAFGVTRSMWADDAKKLCPDLLL
AQVRESRGKANLTKYREASVEVMEIMSRFAVIERASIDEAYVDLTSAVQERLQKLQGQPISADLLPSTYIEGLPQGPTTA
EETVQKEGMRKQGLFQWLDSLQIDNLTSPDLQLTVGAVIVEEMRAAIERETGFQCSAGISHNKVLAKLACGLNKPNRQTL
VSHGSVPQLFSQMPIRKIRSLGGKLGASVIEILGIEYMGELTQFTESQLQSHFGEKNGSWLYAMCRGIEHDPVKPRQLPK
TIGCSKNFPGKTALATREQVQWWLLQLAQELEERLTKDRNDNDRVATQLVVSIRVQGDKRLSSLRRCCALTRYDAHKMSH
DAFTVIKNCNTSGIQTEWSPPLTMLFLCATKFSAS
;
A
2 'polydeoxyribonucleotide' (DC)(DA)(DT)(DT)(DC)(DT)(DG)(DA)(DC)(DG)(DC)(DT) T
3 'polydeoxyribonucleotide/polyribonucleotide hybrid' (DA)(DG)(DC)(DG)(DT)(DC)(DA)G P
#
# COMPACT_ATOMS: atom_id res chain seq x y z
N GLY A 1 -17.24 11.07 29.23
CA GLY A 1 -16.85 12.43 29.52
C GLY A 1 -15.36 12.67 29.67
N PRO A 2 -14.91 12.98 30.89
CA PRO A 2 -13.48 13.30 31.10
C PRO A 2 -12.55 12.11 30.98
N HIS A 3 -13.08 10.88 31.10
CA HIS A 3 -12.29 9.65 31.14
C HIS A 3 -12.41 8.78 29.90
N MET A 4 -13.23 9.15 28.92
CA MET A 4 -13.25 8.41 27.68
C MET A 4 -12.14 8.96 26.78
N ALA A 5 -11.14 8.12 26.51
CA ALA A 5 -10.07 8.52 25.59
C ALA A 5 -10.65 8.67 24.20
N THR A 6 -10.04 9.56 23.42
CA THR A 6 -10.59 9.97 22.14
C THR A 6 -9.65 9.68 20.97
N GLY A 7 -8.48 9.10 21.24
CA GLY A 7 -7.54 8.79 20.18
C GLY A 7 -7.07 10.01 19.42
N GLN A 8 -6.63 11.03 20.17
CA GLN A 8 -6.04 12.23 19.57
C GLN A 8 -4.61 12.42 20.03
N ASP A 9 -4.01 11.39 20.61
CA ASP A 9 -2.66 11.51 21.21
CA ASP A 9 -2.66 11.52 21.21
C ASP A 9 -1.59 11.50 20.13
N ARG A 10 -1.80 10.84 18.99
CA ARG A 10 -0.80 10.71 17.95
C ARG A 10 -1.14 11.58 16.75
N VAL A 11 -0.12 11.92 15.98
CA VAL A 11 -0.28 12.44 14.63
C VAL A 11 0.37 11.44 13.68
N VAL A 12 -0.42 10.94 12.74
CA VAL A 12 0.04 9.93 11.79
C VAL A 12 -0.32 10.39 10.38
N ALA A 13 0.60 10.18 9.45
CA ALA A 13 0.38 10.50 8.05
C ALA A 13 0.55 9.24 7.22
N LEU A 14 -0.23 9.14 6.15
CA LEU A 14 -0.05 8.08 5.16
C LEU A 14 0.26 8.74 3.81
N VAL A 15 1.43 8.45 3.27
CA VAL A 15 1.84 9.00 1.99
C VAL A 15 1.86 7.90 0.94
N ASP A 16 1.19 8.14 -0.17
CA ASP A 16 1.05 7.17 -1.25
C ASP A 16 1.33 7.85 -2.57
N MET A 17 2.17 7.22 -3.39
CA MET A 17 2.58 7.79 -4.66
C MET A 17 1.42 7.70 -5.64
N ASP A 18 1.28 8.74 -6.46
CA ASP A 18 0.21 8.82 -7.46
C ASP A 18 0.61 7.98 -8.67
N CYS A 19 -0.27 7.05 -9.08
CA CYS A 19 -0.01 6.16 -10.23
C CYS A 19 1.46 5.78 -10.31
N PHE A 20 1.96 5.09 -9.28
CA PHE A 20 3.40 5.07 -9.04
C PHE A 20 4.19 4.52 -10.22
N PHE A 21 3.86 3.32 -10.69
CA PHE A 21 4.69 2.74 -11.76
C PHE A 21 4.67 3.63 -13.00
N VAL A 22 3.51 4.24 -13.33
CA VAL A 22 3.40 5.18 -14.45
C VAL A 22 4.39 6.34 -14.28
N GLN A 23 4.42 6.97 -13.10
CA GLN A 23 5.38 8.03 -12.86
C GLN A 23 6.82 7.55 -13.01
N VAL A 24 7.13 6.32 -12.55
CA VAL A 24 8.50 5.80 -12.73
C VAL A 24 8.83 5.74 -14.21
N GLU A 25 7.88 5.29 -15.03
CA GLU A 25 8.09 5.23 -16.47
C GLU A 25 8.11 6.60 -17.12
N GLN A 26 7.31 7.53 -16.59
CA GLN A 26 7.24 8.92 -17.12
C GLN A 26 8.52 9.71 -16.79
N ARG A 27 9.15 9.43 -15.65
CA ARG A 27 10.45 10.05 -15.38
C ARG A 27 11.50 9.56 -16.36
N GLN A 28 11.49 8.27 -16.67
CA GLN A 28 12.50 7.69 -17.53
C GLN A 28 12.31 8.07 -18.99
N ASN A 29 11.05 8.11 -19.45
CA ASN A 29 10.67 8.40 -20.84
C ASN A 29 9.78 9.64 -20.88
N PRO A 30 10.35 10.82 -21.02
CA PRO A 30 9.55 12.06 -21.00
C PRO A 30 8.36 12.11 -21.96
N HIS A 31 8.39 11.32 -23.04
CA HIS A 31 7.29 11.30 -24.00
C HIS A 31 5.98 10.82 -23.36
N LEU A 32 6.05 10.14 -22.23
CA LEU A 32 4.86 9.64 -21.56
C LEU A 32 4.28 10.66 -20.58
N ARG A 33 5.03 11.72 -20.29
CA ARG A 33 4.58 12.67 -19.28
C ARG A 33 3.32 13.37 -19.75
N ASN A 34 2.34 13.49 -18.85
CA ASN A 34 1.13 14.27 -19.11
C ASN A 34 0.31 13.69 -20.24
N LYS A 35 0.41 12.39 -20.45
CA LYS A 35 -0.33 11.67 -21.47
C LYS A 35 -1.19 10.62 -20.79
N PRO A 36 -2.28 10.18 -21.40
CA PRO A 36 -2.95 8.97 -20.91
C PRO A 36 -2.03 7.77 -21.08
N CYS A 37 -1.66 7.15 -19.96
N CYS A 37 -1.59 7.19 -19.98
CA CYS A 37 -0.61 6.15 -19.90
CA CYS A 37 -0.69 6.06 -20.08
C CYS A 37 -0.98 5.09 -18.89
C CYS A 37 -0.91 5.12 -18.91
N ALA A 38 -0.54 3.86 -19.14
CA ALA A 38 -0.72 2.77 -18.19
C ALA A 38 0.52 1.90 -18.22
N VAL A 39 0.75 1.17 -17.14
CA VAL A 39 1.83 0.19 -17.08
C VAL A 39 1.22 -1.20 -17.12
N VAL A 40 1.78 -2.09 -17.95
N VAL A 40 1.91 -2.13 -17.78
CA VAL A 40 1.27 -3.45 -18.11
CA VAL A 40 1.37 -3.40 -18.21
C VAL A 40 2.37 -4.45 -17.79
C VAL A 40 2.41 -4.50 -17.98
N GLN A 41 1.94 -5.69 -17.61
CA GLN A 41 2.78 -6.88 -17.50
C GLN A 41 2.42 -7.80 -18.65
N TYR A 42 3.44 -8.22 -19.41
CA TYR A 42 3.29 -9.10 -20.59
C TYR A 42 2.61 -8.29 -21.70
N LYS A 43 2.41 -8.87 -22.88
CA LYS A 43 1.85 -8.10 -24.01
C LYS A 43 1.08 -9.02 -24.95
N SER A 44 1.43 -10.30 -24.97
CA SER A 44 0.81 -11.23 -25.94
C SER A 44 -0.66 -11.51 -25.60
N TRP A 45 -0.98 -11.81 -24.35
CA TRP A 45 -2.39 -12.03 -23.95
C TRP A 45 -3.16 -10.70 -23.80
N LYS A 46 -4.00 -10.38 -24.78
CA LYS A 46 -4.86 -9.16 -24.76
C LYS A 46 -4.02 -7.91 -24.47
N GLY A 47 -2.77 -7.85 -24.93
CA GLY A 47 -1.97 -6.64 -24.80
C GLY A 47 -1.33 -6.43 -23.46
N GLY A 48 -1.62 -7.28 -22.47
CA GLY A 48 -1.07 -7.26 -21.14
C GLY A 48 -2.07 -6.74 -20.12
N GLY A 49 -1.86 -7.19 -18.88
CA GLY A 49 -2.72 -6.78 -17.77
C GLY A 49 -2.21 -5.48 -17.17
N ILE A 50 -3.12 -4.52 -17.00
CA ILE A 50 -2.78 -3.19 -16.52
C ILE A 50 -2.74 -3.16 -15.00
N ILE A 51 -1.64 -2.67 -14.45
CA ILE A 51 -1.49 -2.50 -13.01
C ILE A 51 -1.28 -1.05 -12.58
N ALA A 52 -1.15 -0.11 -13.50
CA ALA A 52 -1.01 1.29 -13.10
C ALA A 52 -1.49 2.19 -14.24
N VAL A 53 -2.29 3.19 -13.90
CA VAL A 53 -2.99 4.02 -14.86
C VAL A 53 -2.79 5.48 -14.49
N SER A 54 -2.33 6.29 -15.44
CA SER A 54 -2.23 7.70 -15.11
C SER A 54 -3.64 8.30 -14.96
N TYR A 55 -3.70 9.48 -14.36
CA TYR A 55 -5.00 10.11 -14.13
C TYR A 55 -5.64 10.62 -15.41
N GLU A 56 -4.82 10.94 -16.42
CA GLU A 56 -5.38 11.24 -17.73
C GLU A 56 -6.07 10.03 -18.33
N ALA A 57 -5.41 8.86 -18.28
CA ALA A 57 -6.04 7.65 -18.81
C ALA A 57 -7.30 7.26 -18.02
N ARG A 58 -7.35 7.57 -16.72
CA ARG A 58 -8.49 7.20 -15.91
C ARG A 58 -9.73 8.00 -16.28
N ALA A 59 -9.54 9.21 -16.81
CA ALA A 59 -10.64 10.01 -17.31
C ALA A 59 -11.38 9.31 -18.41
N PHE A 60 -10.75 8.33 -19.08
CA PHE A 60 -11.40 7.54 -20.11
C PHE A 60 -11.98 6.24 -19.59
N GLY A 61 -11.86 5.96 -18.30
CA GLY A 61 -12.30 4.70 -17.74
C GLY A 61 -11.25 3.61 -17.66
N VAL A 62 -9.98 3.90 -17.90
CA VAL A 62 -8.95 2.87 -17.81
C VAL A 62 -8.67 2.63 -16.33
N THR A 63 -8.67 1.36 -15.94
CA THR A 63 -8.50 0.96 -14.54
C THR A 63 -7.46 -0.14 -14.42
N ARG A 64 -7.13 -0.50 -13.19
CA ARG A 64 -6.21 -1.62 -12.95
C ARG A 64 -6.97 -2.91 -13.16
N SER A 65 -6.28 -3.97 -13.52
CA SER A 65 -6.88 -5.32 -13.70
C SER A 65 -7.61 -5.39 -15.04
N MET A 66 -7.37 -4.38 -15.86
CA MET A 66 -7.97 -4.35 -17.21
C MET A 66 -6.93 -4.83 -18.23
N TRP A 67 -7.38 -5.50 -19.29
CA TRP A 67 -6.48 -5.85 -20.38
C TRP A 67 -6.19 -4.62 -21.23
N ALA A 68 -4.96 -4.53 -21.73
CA ALA A 68 -4.61 -3.36 -22.52
C ALA A 68 -5.46 -3.28 -23.78
N ASP A 69 -5.81 -4.44 -24.37
CA ASP A 69 -6.60 -4.40 -25.59
C ASP A 69 -7.99 -3.84 -25.34
N ASP A 70 -8.49 -3.97 -24.10
CA ASP A 70 -9.80 -3.41 -23.75
C ASP A 70 -9.68 -1.94 -23.41
N ALA A 71 -8.61 -1.56 -22.72
CA ALA A 71 -8.34 -0.16 -22.41
C ALA A 71 -8.20 0.66 -23.68
N LYS A 72 -7.58 0.08 -24.72
CA LYS A 72 -7.45 0.77 -26.00
C LYS A 72 -8.81 1.07 -26.61
N LYS A 73 -9.81 0.25 -26.32
CA LYS A 73 -11.15 0.53 -26.81
C LYS A 73 -11.73 1.77 -26.12
N LEU A 74 -11.43 1.94 -24.83
CA LEU A 74 -11.90 3.12 -24.13
C LEU A 74 -11.02 4.32 -24.46
N CYS A 75 -9.72 4.11 -24.67
CA CYS A 75 -8.74 5.19 -24.79
C CYS A 75 -7.75 4.89 -25.91
N PRO A 76 -8.09 5.27 -27.15
CA PRO A 76 -7.29 4.82 -28.31
C PRO A 76 -5.91 5.45 -28.42
N ASP A 77 -5.68 6.60 -27.79
CA ASP A 77 -4.35 7.18 -27.75
C ASP A 77 -3.54 6.74 -26.52
N LEU A 78 -4.00 5.71 -25.80
CA LEU A 78 -3.35 5.27 -24.57
C LEU A 78 -1.94 4.81 -24.84
N LEU A 79 -0.99 5.31 -24.05
CA LEU A 79 0.39 4.92 -24.18
C LEU A 79 0.73 3.88 -23.12
N LEU A 80 1.35 2.78 -23.53
CA LEU A 80 1.60 1.65 -22.64
C LEU A 80 3.09 1.50 -22.39
N ALA A 81 3.47 1.34 -21.14
CA ALA A 81 4.83 0.93 -20.81
C ALA A 81 4.77 -0.45 -20.21
N GLN A 82 5.78 -1.24 -20.50
CA GLN A 82 5.79 -2.65 -20.16
C GLN A 82 6.80 -2.89 -19.06
N VAL A 83 6.37 -3.58 -18.00
CA VAL A 83 7.31 -4.05 -17.00
C VAL A 83 8.41 -4.88 -17.66
N ARG A 84 9.62 -4.74 -17.13
CA ARG A 84 10.76 -5.55 -17.58
C ARG A 84 10.48 -7.04 -17.39
N GLU A 85 10.82 -7.85 -18.39
CA GLU A 85 10.79 -9.30 -18.24
C GLU A 85 12.21 -9.83 -18.10
N SER A 86 12.39 -10.77 -17.19
CA SER A 86 13.66 -11.46 -17.08
C SER A 86 13.37 -12.92 -16.77
N ARG A 87 14.18 -13.80 -17.35
CA ARG A 87 14.03 -15.24 -17.13
C ARG A 87 12.59 -15.69 -17.34
N GLY A 88 11.92 -15.09 -18.32
CA GLY A 88 10.55 -15.46 -18.64
C GLY A 88 9.49 -14.88 -17.73
N LYS A 89 9.84 -14.01 -16.78
CA LYS A 89 8.83 -13.49 -15.86
C LYS A 89 8.96 -11.98 -15.74
N ALA A 90 7.88 -11.37 -15.26
CA ALA A 90 7.90 -9.96 -14.89
C ALA A 90 8.93 -9.69 -13.79
N ASN A 91 9.57 -8.52 -13.88
CA ASN A 91 10.71 -8.16 -13.03
C ASN A 91 10.49 -6.75 -12.49
N LEU A 92 10.12 -6.64 -11.21
CA LEU A 92 9.69 -5.38 -10.65
C LEU A 92 10.84 -4.59 -10.01
N THR A 93 12.07 -4.86 -10.44
CA THR A 93 13.23 -4.26 -9.78
C THR A 93 13.21 -2.74 -9.81
N LYS A 94 12.83 -2.15 -10.95
CA LYS A 94 12.95 -0.71 -11.15
C LYS A 94 12.05 0.07 -10.19
N TYR A 95 10.89 -0.51 -9.86
CA TYR A 95 9.94 0.11 -8.96
C TYR A 95 10.33 -0.08 -7.50
N ARG A 96 10.87 -1.26 -7.14
CA ARG A 96 11.40 -1.46 -5.79
C ARG A 96 12.57 -0.51 -5.50
N GLU A 97 13.46 -0.32 -6.48
CA GLU A 97 14.52 0.67 -6.34
C GLU A 97 13.99 2.09 -6.35
N ALA A 98 12.92 2.35 -7.11
CA ALA A 98 12.34 3.68 -7.10
C ALA A 98 11.65 3.94 -5.76
N SER A 99 11.04 2.88 -5.20
CA SER A 99 10.42 2.98 -3.89
C SER A 99 11.45 3.32 -2.81
N VAL A 100 12.64 2.73 -2.90
CA VAL A 100 13.70 2.97 -1.93
C VAL A 100 14.16 4.43 -1.96
N GLU A 101 14.27 5.02 -3.15
CA GLU A 101 14.47 6.46 -3.23
C GLU A 101 13.49 7.19 -2.33
N VAL A 102 12.20 6.86 -2.47
CA VAL A 102 11.16 7.62 -1.76
C VAL A 102 11.25 7.36 -0.27
N MET A 103 11.26 6.08 0.13
N MET A 103 11.25 6.08 0.12
CA MET A 103 11.29 5.74 1.54
CA MET A 103 11.27 5.72 1.54
C MET A 103 12.45 6.39 2.26
C MET A 103 12.47 6.33 2.26
N GLU A 104 13.61 6.47 1.59
CA GLU A 104 14.77 7.04 2.26
C GLU A 104 14.57 8.52 2.53
N ILE A 105 13.91 9.24 1.62
CA ILE A 105 13.62 10.66 1.84
C ILE A 105 12.64 10.82 3.00
N MET A 106 11.55 10.05 2.98
CA MET A 106 10.56 10.14 4.05
C MET A 106 11.21 9.89 5.40
N SER A 107 12.11 8.91 5.47
CA SER A 107 12.74 8.53 6.72
C SER A 107 13.64 9.62 7.29
N ARG A 108 14.01 10.64 6.51
CA ARG A 108 14.77 11.74 7.10
C ARG A 108 13.92 12.53 8.07
N PHE A 109 12.61 12.55 7.87
CA PHE A 109 11.68 13.35 8.67
C PHE A 109 11.21 12.62 9.93
N ALA A 110 10.98 11.33 9.84
CA ALA A 110 10.37 10.59 10.95
C ALA A 110 10.57 9.11 10.69
N VAL A 111 10.23 8.30 11.69
CA VAL A 111 10.22 6.86 11.47
C VAL A 111 8.99 6.51 10.63
N ILE A 112 9.20 5.66 9.63
CA ILE A 112 8.13 5.25 8.72
C ILE A 112 7.94 3.74 8.79
N GLU A 113 6.69 3.30 8.62
CA GLU A 113 6.34 1.90 8.38
C GLU A 113 6.04 1.72 6.89
N ARG A 114 6.95 1.02 6.18
CA ARG A 114 6.67 0.65 4.80
C ARG A 114 5.40 -0.19 4.75
N ALA A 115 4.36 0.32 4.09
CA ALA A 115 3.10 -0.39 4.02
C ALA A 115 2.84 -1.03 2.67
N SER A 116 3.50 -0.56 1.61
CA SER A 116 3.49 -1.21 0.31
C SER A 116 4.68 -0.69 -0.47
N ILE A 117 4.78 -1.07 -1.75
CA ILE A 117 5.86 -0.57 -2.58
C ILE A 117 5.78 0.94 -2.80
N ASP A 118 4.59 1.53 -2.70
CA ASP A 118 4.50 2.97 -2.93
C ASP A 118 3.90 3.75 -1.75
N GLU A 119 3.84 3.18 -0.55
CA GLU A 119 3.25 3.93 0.53
C GLU A 119 3.87 3.56 1.87
N ALA A 120 4.04 4.56 2.72
CA ALA A 120 4.50 4.35 4.09
C ALA A 120 3.61 5.14 5.03
N TYR A 121 3.55 4.68 6.29
CA TYR A 121 2.97 5.48 7.36
C TYR A 121 4.08 6.24 8.07
N VAL A 122 3.71 7.36 8.67
CA VAL A 122 4.65 8.23 9.35
C VAL A 122 4.07 8.56 10.72
N ASP A 123 4.87 8.42 11.77
CA ASP A 123 4.52 8.94 13.09
C ASP A 123 5.12 10.31 13.25
N LEU A 124 4.28 11.34 13.18
CA LEU A 124 4.75 12.72 13.24
C LEU A 124 4.62 13.33 14.62
N THR A 125 4.11 12.57 15.60
CA THR A 125 3.86 13.07 16.94
C THR A 125 5.05 13.85 17.53
N SER A 126 6.26 13.30 17.43
CA SER A 126 7.45 13.98 17.97
C SER A 126 7.86 15.15 17.09
N ALA A 127 7.77 14.98 15.77
CA ALA A 127 8.15 16.06 14.89
C ALA A 127 7.27 17.28 15.13
N VAL A 128 5.97 17.07 15.35
CA VAL A 128 5.04 18.19 15.57
CA VAL A 128 5.08 18.22 15.55
C VAL A 128 5.40 18.92 16.87
N GLN A 129 5.70 18.15 17.93
CA GLN A 129 6.08 18.81 19.18
C GLN A 129 7.31 19.67 18.98
N GLU A 130 8.38 19.07 18.44
CA GLU A 130 9.60 19.83 18.14
C GLU A 130 9.28 21.09 17.34
N ARG A 131 8.38 20.97 16.36
CA ARG A 131 8.01 22.09 15.52
C ARG A 131 7.14 23.11 16.26
N LEU A 132 6.11 22.64 16.97
CA LEU A 132 5.34 23.55 17.81
C LEU A 132 6.23 24.38 18.73
N GLN A 133 7.31 23.79 19.26
CA GLN A 133 8.18 24.54 20.16
C GLN A 133 8.98 25.59 19.39
N LYS A 134 9.37 25.28 18.16
CA LYS A 134 10.12 26.22 17.35
C LYS A 134 9.28 27.42 16.94
N LEU A 135 8.02 27.18 16.57
CA LEU A 135 7.17 28.28 16.14
C LEU A 135 7.05 29.33 17.23
N GLN A 136 7.03 28.90 18.49
CA GLN A 136 6.85 29.79 19.63
C GLN A 136 5.61 30.66 19.43
N GLY A 137 4.45 29.99 19.55
CA GLY A 137 3.15 30.65 19.51
C GLY A 137 2.79 31.32 18.20
N GLN A 138 3.64 31.18 17.18
CA GLN A 138 3.45 31.87 15.91
C GLN A 138 2.31 31.25 15.11
N PRO A 139 1.38 32.05 14.59
CA PRO A 139 0.24 31.50 13.87
C PRO A 139 0.67 30.78 12.60
N ILE A 140 -0.22 29.92 12.12
CA ILE A 140 0.04 29.12 10.93
C ILE A 140 -0.69 29.74 9.74
N SER A 141 0.10 30.07 8.73
CA SER A 141 -0.32 30.72 7.49
C SER A 141 -0.78 29.72 6.43
N ALA A 142 -1.84 30.07 5.68
CA ALA A 142 -2.28 29.20 4.60
C ALA A 142 -1.17 28.96 3.58
N ASP A 143 -0.17 29.84 3.55
CA ASP A 143 0.92 29.71 2.62
C ASP A 143 1.72 28.45 2.86
N LEU A 144 1.73 27.98 4.10
CA LEU A 144 2.42 26.76 4.47
C LEU A 144 1.65 25.52 4.07
N LEU A 145 0.36 25.66 3.69
CA LEU A 145 -0.44 24.50 3.36
C LEU A 145 -0.98 24.56 1.93
N PRO A 146 -0.11 24.73 0.92
CA PRO A 146 -0.62 25.04 -0.43
C PRO A 146 -1.43 23.93 -1.08
N SER A 147 -1.41 22.70 -0.56
CA SER A 147 -2.09 21.58 -1.21
C SER A 147 -2.92 20.76 -0.23
N THR A 148 -3.22 21.33 0.93
CA THR A 148 -3.97 20.66 1.97
C THR A 148 -5.48 20.93 1.84
N TYR A 149 -6.27 19.87 1.90
CA TYR A 149 -7.72 19.96 2.07
C TYR A 149 -8.05 19.69 3.53
N ILE A 150 -9.00 20.43 4.08
CA ILE A 150 -9.51 20.16 5.43
C ILE A 150 -10.84 19.44 5.25
N GLU A 151 -10.89 18.17 5.64
CA GLU A 151 -12.08 17.37 5.34
C GLU A 151 -13.29 17.90 6.10
N GLY A 152 -14.43 18.03 5.39
CA GLY A 152 -15.64 18.56 5.96
C GLY A 152 -15.79 20.07 5.87
N LEU A 153 -14.80 20.80 5.35
CA LEU A 153 -14.78 22.23 5.15
C LEU A 153 -14.59 22.58 3.68
N PRO A 154 -15.18 23.69 3.23
CA PRO A 154 -15.91 24.71 4.00
C PRO A 154 -17.31 24.25 4.40
N GLN A 155 -17.90 24.87 5.41
CA GLN A 155 -19.29 24.62 5.74
C GLN A 155 -19.88 25.97 6.14
N GLY A 156 -21.21 26.08 6.07
CA GLY A 156 -21.91 27.27 6.54
C GLY A 156 -22.03 28.43 5.56
N GLN A 165 -14.92 26.66 -8.20
CA GLN A 165 -13.68 26.03 -8.68
C GLN A 165 -13.13 25.24 -7.49
N LYS A 166 -12.48 24.11 -7.76
CA LYS A 166 -12.00 23.21 -6.68
C LYS A 166 -10.98 23.93 -5.79
N GLU A 167 -10.06 24.68 -6.40
CA GLU A 167 -9.01 25.37 -5.62
C GLU A 167 -9.65 26.43 -4.73
N GLY A 168 -10.77 26.99 -5.19
CA GLY A 168 -11.49 27.98 -4.38
C GLY A 168 -12.12 27.37 -3.16
N MET A 169 -12.71 26.19 -3.31
CA MET A 169 -13.27 25.52 -2.14
C MET A 169 -12.16 25.08 -1.21
N ARG A 170 -11.05 24.59 -1.75
CA ARG A 170 -9.95 24.16 -0.89
C ARG A 170 -9.47 25.31 -0.02
N LYS A 171 -9.22 26.47 -0.63
CA LYS A 171 -8.74 27.62 0.12
C LYS A 171 -9.79 28.11 1.12
N GLN A 172 -11.06 28.19 0.71
CA GLN A 172 -12.12 28.52 1.66
C GLN A 172 -12.09 27.60 2.87
N GLY A 173 -12.05 26.28 2.62
CA GLY A 173 -12.01 25.33 3.73
C GLY A 173 -10.77 25.49 4.58
N LEU A 174 -9.62 25.77 3.95
CA LEU A 174 -8.40 26.00 4.71
C LEU A 174 -8.46 27.29 5.51
N PHE A 175 -9.05 28.37 4.94
CA PHE A 175 -9.15 29.61 5.71
C PHE A 175 -10.01 29.43 6.94
N GLN A 176 -11.20 28.83 6.77
CA GLN A 176 -12.10 28.57 7.90
C GLN A 176 -11.39 27.82 9.01
N TRP A 177 -10.68 26.75 8.66
CA TRP A 177 -9.93 25.96 9.64
C TRP A 177 -8.86 26.81 10.33
N LEU A 178 -7.99 27.48 9.54
CA LEU A 178 -6.90 28.24 10.13
C LEU A 178 -7.41 29.36 11.04
N ASP A 179 -8.51 30.01 10.66
CA ASP A 179 -9.11 31.07 11.48
C ASP A 179 -9.56 30.54 12.84
N SER A 180 -10.02 29.30 12.90
CA SER A 180 -10.52 28.78 14.17
C SER A 180 -9.44 28.23 15.07
N LEU A 181 -8.21 28.09 14.58
N LEU A 181 -8.21 28.09 14.58
CA LEU A 181 -7.16 27.43 15.34
CA LEU A 181 -7.17 27.41 15.35
C LEU A 181 -6.76 28.19 16.60
C LEU A 181 -6.79 28.19 16.61
N GLN A 182 -6.65 27.46 17.73
CA GLN A 182 -6.12 28.00 18.98
C GLN A 182 -4.61 27.72 18.99
N ILE A 183 -3.84 28.70 18.53
CA ILE A 183 -2.40 28.55 18.33
C ILE A 183 -1.60 28.57 19.63
N ASP A 184 -2.16 29.13 20.70
CA ASP A 184 -1.44 29.24 21.98
C ASP A 184 -1.51 27.97 22.83
N ASN A 185 -2.29 26.97 22.41
CA ASN A 185 -2.50 25.74 23.19
C ASN A 185 -1.73 24.61 22.51
N LEU A 186 -0.50 24.34 22.98
CA LEU A 186 0.38 23.37 22.35
C LEU A 186 -0.12 21.93 22.48
N THR A 187 -1.22 21.70 23.21
CA THR A 187 -1.76 20.36 23.42
C THR A 187 -3.06 20.09 22.66
N SER A 188 -3.60 21.09 21.91
CA SER A 188 -4.83 20.88 21.13
C SER A 188 -4.58 19.92 19.96
N PRO A 189 -5.36 18.85 19.84
CA PRO A 189 -5.14 17.88 18.77
C PRO A 189 -5.30 18.46 17.38
N ASP A 190 -6.18 19.44 17.23
CA ASP A 190 -6.38 20.01 15.91
C ASP A 190 -5.15 20.80 15.49
N LEU A 191 -4.56 21.52 16.44
CA LEU A 191 -3.32 22.23 16.17
C LEU A 191 -2.21 21.26 15.76
N GLN A 192 -2.18 20.09 16.40
CA GLN A 192 -1.08 19.16 16.12
C GLN A 192 -1.20 18.57 14.72
N LEU A 193 -2.43 18.21 14.31
CA LEU A 193 -2.70 17.80 12.94
C LEU A 193 -2.30 18.87 11.95
N THR A 194 -2.70 20.12 12.21
CA THR A 194 -2.31 21.21 11.32
C THR A 194 -0.81 21.27 11.16
N VAL A 195 -0.07 21.18 12.28
CA VAL A 195 1.37 21.22 12.20
C VAL A 195 1.91 19.97 11.50
N GLY A 196 1.38 18.79 11.86
CA GLY A 196 1.67 17.59 11.08
C GLY A 196 1.53 17.81 9.59
N ALA A 197 0.45 18.52 9.23
CA ALA A 197 0.15 18.81 7.82
C ALA A 197 1.19 19.73 7.21
N VAL A 198 1.70 20.67 7.98
CA VAL A 198 2.79 21.52 7.47
C VAL A 198 4.00 20.67 7.13
N ILE A 199 4.33 19.70 8.01
CA ILE A 199 5.52 18.88 7.78
C ILE A 199 5.32 17.99 6.56
N VAL A 200 4.10 17.50 6.36
CA VAL A 200 3.82 16.62 5.23
C VAL A 200 3.99 17.36 3.91
N GLU A 201 3.53 18.61 3.84
CA GLU A 201 3.81 19.46 2.68
C GLU A 201 5.31 19.49 2.38
N GLU A 202 6.10 19.81 3.41
CA GLU A 202 7.55 19.76 3.32
C GLU A 202 8.02 18.39 2.84
N MET A 203 7.50 17.32 3.46
CA MET A 203 7.92 15.99 3.03
C MET A 203 7.56 15.76 1.58
N ARG A 204 6.38 16.20 1.16
CA ARG A 204 5.97 15.93 -0.21
C ARG A 204 6.75 16.78 -1.19
N ALA A 205 7.17 18.00 -0.79
CA ALA A 205 7.98 18.81 -1.69
C ALA A 205 9.36 18.19 -1.89
N ALA A 206 9.97 17.70 -0.80
CA ALA A 206 11.27 17.05 -0.89
C ALA A 206 11.22 15.80 -1.75
N ILE A 207 10.12 15.04 -1.68
CA ILE A 207 10.01 13.85 -2.51
C ILE A 207 10.00 14.25 -3.98
N GLU A 208 9.28 15.32 -4.32
CA GLU A 208 9.20 15.73 -5.72
C GLU A 208 10.48 16.43 -6.19
N ARG A 209 11.09 17.26 -5.34
CA ARG A 209 12.35 17.89 -5.78
C ARG A 209 13.42 16.83 -5.98
N GLU A 210 13.49 15.79 -5.14
CA GLU A 210 14.59 14.84 -5.16
C GLU A 210 14.31 13.57 -5.94
N THR A 211 13.05 13.26 -6.27
CA THR A 211 12.77 12.17 -7.18
C THR A 211 12.03 12.57 -8.45
N GLY A 212 11.39 13.72 -8.48
CA GLY A 212 10.46 14.01 -9.55
C GLY A 212 9.10 13.38 -9.43
N PHE A 213 8.86 12.55 -8.41
CA PHE A 213 7.58 11.86 -8.23
C PHE A 213 6.64 12.71 -7.38
N GLN A 214 5.37 12.70 -7.76
CA GLN A 214 4.32 13.34 -6.98
C GLN A 214 3.53 12.29 -6.19
N CYS A 215 2.92 12.73 -5.09
CA CYS A 215 2.23 11.81 -4.19
C CYS A 215 1.10 12.53 -3.46
N SER A 216 0.25 11.75 -2.80
CA SER A 216 -0.78 12.25 -1.91
C SER A 216 -0.52 11.78 -0.49
N ALA A 217 -1.21 12.42 0.47
CA ALA A 217 -1.01 12.17 1.89
C ALA A 217 -2.32 12.30 2.65
N GLY A 218 -2.48 11.47 3.67
CA GLY A 218 -3.55 11.65 4.64
C GLY A 218 -2.92 12.02 5.97
N ILE A 219 -3.50 13.00 6.64
CA ILE A 219 -3.01 13.40 7.97
C ILE A 219 -4.18 13.27 8.94
N SER A 220 -4.01 12.42 9.94
CA SER A 220 -5.02 12.20 10.97
C SER A 220 -4.32 11.73 12.24
N HIS A 221 -5.07 11.06 13.11
CA HIS A 221 -4.55 10.59 14.40
C HIS A 221 -4.21 9.11 14.41
N ASN A 222 -4.50 8.38 13.34
CA ASN A 222 -4.19 6.96 13.35
C ASN A 222 -4.00 6.49 11.92
N LYS A 223 -3.51 5.26 11.79
CA LYS A 223 -3.17 4.78 10.46
C LYS A 223 -4.40 4.64 9.56
N VAL A 224 -5.53 4.22 10.11
CA VAL A 224 -6.67 3.91 9.24
C VAL A 224 -7.25 5.19 8.67
N LEU A 225 -7.37 6.24 9.48
CA LEU A 225 -7.92 7.50 9.00
C LEU A 225 -6.94 8.19 8.04
N ALA A 226 -5.65 8.15 8.33
CA ALA A 226 -4.69 8.69 7.39
C ALA A 226 -4.83 8.03 6.03
N LYS A 227 -4.99 6.69 6.00
CA LYS A 227 -5.12 5.99 4.73
C LYS A 227 -6.40 6.40 4.01
N LEU A 228 -7.54 6.34 4.70
CA LEU A 228 -8.79 6.82 4.15
C LEU A 228 -8.63 8.26 3.64
N ALA A 229 -8.06 9.13 4.49
CA ALA A 229 -7.92 10.53 4.13
C ALA A 229 -7.06 10.70 2.88
N CYS A 230 -6.04 9.86 2.73
CA CYS A 230 -5.13 10.00 1.59
C CYS A 230 -5.86 9.94 0.25
N GLY A 231 -6.97 9.21 0.17
CA GLY A 231 -7.59 9.04 -1.12
C GLY A 231 -8.65 10.06 -1.45
N LEU A 232 -8.99 10.93 -0.51
CA LEU A 232 -10.11 11.83 -0.71
C LEU A 232 -9.82 12.88 -1.77
N ASN A 233 -8.54 13.15 -2.03
CA ASN A 233 -8.24 14.30 -2.92
C ASN A 233 -7.02 14.02 -3.78
N LYS A 234 -6.86 12.78 -4.21
CA LYS A 234 -5.77 12.44 -5.14
C LYS A 234 -6.23 12.96 -6.50
N PRO A 235 -5.33 13.44 -7.37
CA PRO A 235 -3.90 13.42 -7.08
C PRO A 235 -3.17 14.69 -6.64
N ASN A 236 -1.92 14.54 -6.20
CA ASN A 236 -1.03 15.67 -5.80
C ASN A 236 -1.67 16.57 -4.76
N ARG A 237 -2.37 16.00 -3.77
CA ARG A 237 -3.01 16.76 -2.70
C ARG A 237 -2.86 15.97 -1.41
N GLN A 238 -3.02 16.65 -0.28
CA GLN A 238 -3.03 15.98 1.02
C GLN A 238 -4.28 16.40 1.77
N THR A 239 -4.76 15.52 2.65
CA THR A 239 -6.04 15.75 3.30
C THR A 239 -5.90 15.54 4.79
N LEU A 240 -6.43 16.50 5.57
CA LEU A 240 -6.42 16.47 7.03
C LEU A 240 -7.81 16.08 7.50
N VAL A 241 -7.91 14.89 8.10
CA VAL A 241 -9.15 14.36 8.66
C VAL A 241 -9.07 14.53 10.16
N SER A 242 -9.84 15.46 10.69
CA SER A 242 -9.74 15.76 12.11
C SER A 242 -10.70 14.87 12.90
N HIS A 243 -10.46 14.78 14.21
CA HIS A 243 -11.31 13.95 15.03
C HIS A 243 -12.79 14.37 14.88
N GLY A 244 -13.03 15.67 14.74
CA GLY A 244 -14.39 16.19 14.60
C GLY A 244 -15.00 16.04 13.21
N SER A 245 -14.20 15.79 12.18
CA SER A 245 -14.75 15.50 10.87
C SER A 245 -15.31 14.08 10.75
N VAL A 246 -15.00 13.20 11.70
CA VAL A 246 -15.31 11.78 11.59
C VAL A 246 -16.83 11.52 11.53
N PRO A 247 -17.64 12.03 12.46
CA PRO A 247 -19.09 11.70 12.40
C PRO A 247 -19.75 12.01 11.07
N GLN A 248 -19.53 13.20 10.49
CA GLN A 248 -20.09 13.46 9.18
C GLN A 248 -19.42 12.59 8.13
N LEU A 249 -18.07 12.49 8.21
CA LEU A 249 -17.31 11.69 7.25
C LEU A 249 -17.83 10.27 7.20
N PHE A 250 -18.02 9.65 8.36
CA PHE A 250 -18.43 8.26 8.42
C PHE A 250 -19.93 8.06 8.22
N SER A 251 -20.74 9.12 8.28
CA SER A 251 -22.19 8.91 8.20
C SER A 251 -22.64 8.42 6.82
N GLN A 252 -21.85 8.66 5.78
CA GLN A 252 -22.15 8.23 4.42
C GLN A 252 -20.99 7.45 3.82
N MET A 253 -20.02 7.07 4.62
CA MET A 253 -18.85 6.37 4.15
C MET A 253 -19.19 4.88 4.15
N PRO A 254 -19.23 4.24 2.99
CA PRO A 254 -19.49 2.80 2.95
C PRO A 254 -18.47 2.04 3.79
N ILE A 255 -18.94 0.99 4.45
CA ILE A 255 -18.06 0.21 5.30
C ILE A 255 -16.84 -0.29 4.53
N ARG A 256 -17.05 -0.74 3.28
CA ARG A 256 -15.95 -1.33 2.50
C ARG A 256 -14.80 -0.37 2.25
N LYS A 257 -14.97 0.92 2.53
CA LYS A 257 -13.92 1.89 2.22
C LYS A 257 -12.85 1.94 3.29
N ILE A 258 -13.08 1.28 4.43
CA ILE A 258 -12.14 1.30 5.54
C ILE A 258 -11.17 0.15 5.36
N ARG A 259 -9.88 0.45 5.49
CA ARG A 259 -8.83 -0.55 5.39
C ARG A 259 -9.14 -1.73 6.31
N SER A 260 -9.21 -2.92 5.68
CA SER A 260 -9.41 -4.25 6.26
C SER A 260 -10.89 -4.65 6.28
N LEU A 261 -11.80 -3.74 5.92
CA LEU A 261 -13.21 -4.09 5.77
C LEU A 261 -13.62 -4.21 4.31
N GLY A 262 -12.68 -4.11 3.39
CA GLY A 262 -12.99 -4.23 1.98
C GLY A 262 -13.39 -5.64 1.54
N GLY A 263 -13.20 -6.67 2.37
CA GLY A 263 -13.47 -8.05 1.96
C GLY A 263 -14.64 -8.71 2.69
N LYS A 264 -14.45 -9.99 3.03
CA LYS A 264 -15.53 -10.77 3.64
C LYS A 264 -16.00 -10.18 4.96
N LEU A 265 -15.05 -9.83 5.83
CA LEU A 265 -15.41 -9.31 7.16
C LEU A 265 -16.31 -8.10 7.07
N GLY A 266 -15.96 -7.15 6.20
CA GLY A 266 -16.83 -6.01 5.97
C GLY A 266 -18.17 -6.42 5.39
N ALA A 267 -18.19 -7.50 4.61
CA ALA A 267 -19.45 -7.97 4.04
C ALA A 267 -20.34 -8.58 5.10
N SER A 268 -19.73 -9.28 6.06
CA SER A 268 -20.52 -9.86 7.14
C SER A 268 -21.01 -8.77 8.10
N VAL A 269 -20.22 -7.71 8.31
CA VAL A 269 -20.69 -6.59 9.09
C VAL A 269 -21.92 -5.98 8.43
N ILE A 270 -21.85 -5.78 7.12
CA ILE A 270 -22.99 -5.28 6.37
C ILE A 270 -24.18 -6.21 6.52
N GLU A 271 -23.95 -7.51 6.35
CA GLU A 271 -25.06 -8.46 6.29
C GLU A 271 -25.64 -8.76 7.66
N ILE A 272 -24.79 -9.05 8.66
CA ILE A 272 -25.32 -9.39 9.97
C ILE A 272 -26.04 -8.21 10.59
N LEU A 273 -25.39 -7.05 10.61
CA LEU A 273 -25.94 -5.88 11.30
C LEU A 273 -27.03 -5.17 10.50
N GLY A 274 -27.12 -5.40 9.19
CA GLY A 274 -28.09 -4.71 8.36
C GLY A 274 -27.80 -3.24 8.17
N ILE A 275 -26.52 -2.87 8.03
CA ILE A 275 -26.11 -1.48 7.87
C ILE A 275 -25.31 -1.35 6.59
N GLU A 276 -25.01 -0.08 6.24
CA GLU A 276 -24.25 0.29 5.03
C GLU A 276 -22.99 1.11 5.31
N TYR A 277 -23.05 2.04 6.26
CA TYR A 277 -22.01 3.06 6.44
C TYR A 277 -21.31 2.89 7.78
N MET A 278 -20.01 3.27 7.80
CA MET A 278 -19.21 3.23 9.02
C MET A 278 -19.92 3.80 10.25
N GLY A 279 -20.47 5.01 10.15
CA GLY A 279 -21.03 5.64 11.34
C GLY A 279 -22.15 4.85 12.00
N GLU A 280 -22.81 3.97 11.24
CA GLU A 280 -23.88 3.17 11.82
C GLU A 280 -23.38 2.17 12.85
N LEU A 281 -22.08 1.84 12.82
CA LEU A 281 -21.54 0.94 13.83
C LEU A 281 -21.69 1.51 15.25
N THR A 282 -21.73 2.84 15.42
CA THR A 282 -21.73 3.45 16.76
C THR A 282 -22.93 3.03 17.59
N GLN A 283 -24.00 2.53 16.98
CA GLN A 283 -25.18 2.14 17.72
C GLN A 283 -25.07 0.76 18.36
N PHE A 284 -23.94 0.07 18.22
CA PHE A 284 -23.78 -1.29 18.74
C PHE A 284 -22.79 -1.28 19.89
N THR A 285 -23.13 -2.00 20.96
CA THR A 285 -22.20 -2.07 22.06
C THR A 285 -20.98 -2.88 21.67
N GLU A 286 -19.86 -2.57 22.31
CA GLU A 286 -18.66 -3.35 22.08
C GLU A 286 -18.93 -4.85 22.21
N SER A 287 -19.68 -5.25 23.23
CA SER A 287 -19.95 -6.66 23.43
C SER A 287 -20.71 -7.24 22.24
N GLN A 288 -21.71 -6.52 21.75
CA GLN A 288 -22.42 -6.98 20.57
C GLN A 288 -21.47 -7.18 19.39
N LEU A 289 -20.60 -6.20 19.13
CA LEU A 289 -19.69 -6.33 18.01
C LEU A 289 -18.75 -7.51 18.21
N GLN A 290 -18.20 -7.63 19.41
CA GLN A 290 -17.38 -8.79 19.75
C GLN A 290 -18.16 -10.09 19.58
N SER A 291 -19.45 -10.07 19.87
CA SER A 291 -20.24 -11.30 19.77
C SER A 291 -20.34 -11.80 18.33
N HIS A 292 -20.40 -10.89 17.35
CA HIS A 292 -20.55 -11.29 15.95
C HIS A 292 -19.23 -11.52 15.23
N PHE A 293 -18.19 -10.78 15.60
CA PHE A 293 -16.98 -10.69 14.79
C PHE A 293 -15.71 -11.01 15.57
N GLY A 294 -15.83 -11.51 16.79
CA GLY A 294 -14.71 -11.84 17.62
C GLY A 294 -14.31 -10.71 18.55
N GLU A 295 -13.53 -11.06 19.57
CA GLU A 295 -13.16 -10.10 20.61
C GLU A 295 -12.21 -9.03 20.06
N LYS A 296 -11.29 -9.41 19.18
CA LYS A 296 -10.38 -8.46 18.55
C LYS A 296 -11.12 -7.52 17.59
N ASN A 297 -11.81 -8.11 16.60
CA ASN A 297 -12.49 -7.30 15.61
C ASN A 297 -13.53 -6.41 16.29
N GLY A 298 -14.28 -6.98 17.23
CA GLY A 298 -15.31 -6.21 17.91
C GLY A 298 -14.77 -4.97 18.59
N SER A 299 -13.76 -5.14 19.45
CA SER A 299 -13.08 -3.99 20.07
C SER A 299 -12.59 -3.02 19.00
N TRP A 300 -12.03 -3.56 17.93
CA TRP A 300 -11.51 -2.70 16.87
C TRP A 300 -12.64 -2.03 16.09
N LEU A 301 -13.82 -2.65 16.02
CA LEU A 301 -14.91 -1.97 15.31
C LEU A 301 -15.56 -0.92 16.20
N TYR A 302 -15.75 -1.25 17.48
CA TYR A 302 -16.34 -0.30 18.40
C TYR A 302 -15.55 1.00 18.44
N ALA A 303 -14.21 0.90 18.44
CA ALA A 303 -13.39 2.12 18.48
C ALA A 303 -13.25 2.78 17.11
N MET A 304 -13.14 1.98 16.04
CA MET A 304 -12.87 2.55 14.71
C MET A 304 -14.02 3.43 14.23
N CYS A 305 -15.27 3.01 14.43
CA CYS A 305 -16.36 3.83 13.92
C CYS A 305 -16.52 5.13 14.70
N ARG A 306 -15.75 5.32 15.77
CA ARG A 306 -15.68 6.59 16.45
C ARG A 306 -14.40 7.34 16.10
N GLY A 307 -13.65 6.85 15.11
CA GLY A 307 -12.42 7.48 14.67
C GLY A 307 -11.19 7.10 15.46
N ILE A 308 -11.24 6.02 16.24
CA ILE A 308 -10.20 5.67 17.20
C ILE A 308 -9.58 4.33 16.82
N GLU A 309 -8.26 4.31 16.75
CA GLU A 309 -7.46 3.14 16.36
C GLU A 309 -6.10 3.28 17.02
N HIS A 310 -5.60 2.21 17.60
CA HIS A 310 -4.36 2.31 18.35
C HIS A 310 -3.21 1.58 17.68
N ASP A 311 -3.42 0.99 16.51
CA ASP A 311 -2.37 0.26 15.83
C ASP A 311 -1.15 1.19 15.65
N PRO A 312 0.02 0.79 16.09
CA PRO A 312 1.16 1.71 16.05
C PRO A 312 1.82 1.72 14.69
N VAL A 313 2.51 2.83 14.42
CA VAL A 313 3.40 2.97 13.28
C VAL A 313 4.63 2.14 13.57
N LYS A 314 4.74 0.98 12.94
CA LYS A 314 5.87 0.10 13.19
CA LYS A 314 5.88 0.10 13.21
C LYS A 314 7.13 0.68 12.56
N PRO A 315 8.22 0.74 13.27
CA PRO A 315 9.45 1.27 12.65
C PRO A 315 10.06 0.20 11.74
N ARG A 316 9.60 0.14 10.49
CA ARG A 316 10.03 -0.92 9.58
C ARG A 316 10.03 -0.37 8.16
N GLN A 317 11.21 -0.10 7.64
CA GLN A 317 11.36 0.44 6.30
C GLN A 317 11.60 -0.62 5.23
N LEU A 318 12.06 -1.79 5.62
CA LEU A 318 12.39 -2.82 4.65
C LEU A 318 11.35 -3.92 4.67
N PRO A 319 11.13 -4.62 3.55
CA PRO A 319 10.22 -5.76 3.57
C PRO A 319 10.71 -6.84 4.52
N LYS A 320 9.74 -7.62 5.04
CA LYS A 320 9.98 -8.75 5.92
C LYS A 320 10.21 -10.02 5.12
N THR A 321 9.77 -10.04 3.87
CA THR A 321 9.93 -11.18 2.98
C THR A 321 10.42 -10.67 1.63
N ILE A 322 10.91 -11.60 0.83
CA ILE A 322 11.35 -11.34 -0.54
C ILE A 322 10.89 -12.54 -1.37
N GLY A 323 10.04 -12.28 -2.35
CA GLY A 323 9.30 -13.34 -3.01
C GLY A 323 9.24 -13.21 -4.50
N CYS A 324 9.14 -14.37 -5.17
CA CYS A 324 9.14 -14.51 -6.61
CA CYS A 324 9.14 -14.50 -6.61
C CYS A 324 7.98 -15.40 -6.98
N SER A 325 7.19 -14.99 -7.96
CA SER A 325 6.00 -15.76 -8.27
C SER A 325 5.66 -15.66 -9.74
N LYS A 326 5.17 -16.77 -10.30
CA LYS A 326 4.61 -16.73 -11.64
C LYS A 326 3.37 -17.63 -11.71
N ASN A 327 2.24 -17.05 -12.13
CA ASN A 327 1.05 -17.81 -12.51
C ASN A 327 1.24 -18.50 -13.87
N PHE A 328 0.61 -19.66 -14.02
CA PHE A 328 0.58 -20.40 -15.28
C PHE A 328 -0.85 -20.82 -15.60
N PRO A 329 -1.70 -19.88 -16.04
CA PRO A 329 -3.11 -20.20 -16.21
C PRO A 329 -3.33 -21.11 -17.41
N GLY A 330 -4.48 -21.78 -17.39
CA GLY A 330 -5.00 -22.36 -18.62
C GLY A 330 -4.12 -23.45 -19.17
N LYS A 331 -4.01 -23.50 -20.51
CA LYS A 331 -3.19 -24.50 -21.17
C LYS A 331 -1.70 -24.28 -20.94
N THR A 332 -1.29 -23.16 -20.37
CA THR A 332 0.12 -22.92 -20.11
C THR A 332 0.58 -23.56 -18.81
N ALA A 333 -0.34 -24.12 -18.02
CA ALA A 333 0.03 -24.79 -16.77
C ALA A 333 1.14 -25.80 -17.02
N LEU A 334 1.99 -25.99 -16.03
CA LEU A 334 3.18 -26.82 -16.15
C LEU A 334 2.77 -28.27 -15.98
N ALA A 335 3.19 -29.13 -16.90
CA ALA A 335 2.71 -30.49 -16.92
C ALA A 335 3.81 -31.53 -16.95
N THR A 336 5.06 -31.12 -16.96
CA THR A 336 6.20 -32.02 -17.07
C THR A 336 7.19 -31.74 -15.95
N ARG A 337 8.01 -32.74 -15.64
CA ARG A 337 9.05 -32.55 -14.63
C ARG A 337 10.05 -31.48 -15.07
N GLU A 338 10.56 -31.59 -16.31
CA GLU A 338 11.53 -30.61 -16.82
C GLU A 338 10.99 -29.19 -16.69
N GLN A 339 9.70 -29.00 -16.97
CA GLN A 339 9.10 -27.66 -16.92
C GLN A 339 9.08 -27.12 -15.49
N VAL A 340 8.73 -27.98 -14.54
CA VAL A 340 8.61 -27.51 -13.18
C VAL A 340 9.99 -27.23 -12.60
N GLN A 341 11.01 -27.94 -13.07
CA GLN A 341 12.34 -27.63 -12.60
C GLN A 341 12.87 -26.34 -13.23
N TRP A 342 12.64 -26.15 -14.53
CA TRP A 342 13.20 -24.98 -15.21
C TRP A 342 12.62 -23.69 -14.64
N TRP A 343 11.34 -23.70 -14.23
CA TRP A 343 10.72 -22.50 -13.67
C TRP A 343 11.06 -22.31 -12.20
N LEU A 344 11.27 -23.40 -11.46
CA LEU A 344 11.85 -23.27 -10.12
C LEU A 344 13.23 -22.64 -10.22
N LEU A 345 14.01 -23.04 -11.22
CA LEU A 345 15.31 -22.43 -11.42
C LEU A 345 15.17 -20.97 -11.85
N GLN A 346 14.18 -20.65 -12.69
CA GLN A 346 14.05 -19.25 -13.06
C GLN A 346 13.68 -18.43 -11.84
N LEU A 347 12.71 -18.93 -11.08
CA LEU A 347 12.28 -18.24 -9.87
C LEU A 347 13.44 -18.08 -8.89
N ALA A 348 14.19 -19.17 -8.66
CA ALA A 348 15.28 -19.13 -7.69
C ALA A 348 16.39 -18.18 -8.12
N GLN A 349 16.67 -18.08 -9.42
CA GLN A 349 17.73 -17.19 -9.86
C GLN A 349 17.37 -15.72 -9.61
N GLU A 350 16.12 -15.35 -9.80
CA GLU A 350 15.76 -13.97 -9.45
C GLU A 350 15.83 -13.79 -7.94
N LEU A 351 15.33 -14.77 -7.20
CA LEU A 351 15.32 -14.67 -5.75
C LEU A 351 16.74 -14.49 -5.23
N GLU A 352 17.69 -15.24 -5.81
CA GLU A 352 19.09 -15.15 -5.39
C GLU A 352 19.66 -13.78 -5.66
N GLU A 353 19.42 -13.25 -6.86
CA GLU A 353 19.87 -11.92 -7.21
C GLU A 353 19.31 -10.88 -6.25
N ARG A 354 18.03 -11.00 -5.89
CA ARG A 354 17.46 -10.04 -4.98
CA ARG A 354 17.43 -10.07 -4.96
C ARG A 354 18.02 -10.22 -3.58
N LEU A 355 18.23 -11.48 -3.14
CA LEU A 355 18.76 -11.75 -1.80
C LEU A 355 20.18 -11.26 -1.63
N THR A 356 21.05 -11.51 -2.61
CA THR A 356 22.43 -11.09 -2.47
C THR A 356 22.51 -9.57 -2.34
N LYS A 357 21.62 -8.87 -3.06
CA LYS A 357 21.59 -7.42 -2.95
C LYS A 357 21.04 -6.99 -1.59
N ASP A 358 20.02 -7.68 -1.10
CA ASP A 358 19.48 -7.36 0.22
C ASP A 358 20.54 -7.54 1.30
N ARG A 359 21.28 -8.66 1.25
CA ARG A 359 22.33 -8.90 2.26
C ARG A 359 23.38 -7.79 2.26
N ASN A 360 23.82 -7.35 1.08
CA ASN A 360 24.84 -6.32 0.99
C ASN A 360 24.30 -4.95 1.42
N ASP A 361 23.02 -4.69 1.15
CA ASP A 361 22.46 -3.38 1.48
C ASP A 361 22.01 -3.28 2.93
N ASN A 362 21.38 -4.34 3.45
CA ASN A 362 20.62 -4.22 4.67
C ASN A 362 21.15 -5.10 5.79
N ASP A 363 22.32 -5.71 5.61
CA ASP A 363 23.01 -6.47 6.67
C ASP A 363 22.11 -7.52 7.30
N ARG A 364 21.61 -8.43 6.47
CA ARG A 364 20.73 -9.47 7.00
C ARG A 364 20.68 -10.62 6.01
N VAL A 365 20.24 -11.76 6.52
CA VAL A 365 20.14 -12.98 5.74
C VAL A 365 18.79 -13.62 6.03
N ALA A 366 18.16 -14.15 4.98
CA ALA A 366 16.96 -14.96 5.16
C ALA A 366 17.36 -16.39 5.55
N THR A 367 16.58 -16.97 6.43
CA THR A 367 16.89 -18.30 6.93
C THR A 367 15.89 -19.37 6.53
N GLN A 368 14.73 -19.00 5.97
CA GLN A 368 13.69 -19.96 5.64
C GLN A 368 13.17 -19.71 4.23
N LEU A 369 12.95 -20.78 3.48
CA LEU A 369 12.47 -20.73 2.11
C LEU A 369 11.08 -21.33 2.06
N VAL A 370 10.10 -20.58 1.56
CA VAL A 370 8.72 -21.04 1.50
C VAL A 370 8.40 -21.33 0.04
N VAL A 371 7.87 -22.51 -0.24
CA VAL A 371 7.45 -22.87 -1.59
CA VAL A 371 7.45 -22.93 -1.57
C VAL A 371 5.94 -23.04 -1.59
N SER A 372 5.29 -22.36 -2.53
CA SER A 372 3.84 -22.40 -2.71
C SER A 372 3.53 -22.75 -4.15
N ILE A 373 2.51 -23.58 -4.33
CA ILE A 373 2.15 -23.99 -5.67
C ILE A 373 0.63 -23.95 -5.79
N ARG A 374 0.17 -23.97 -7.03
CA ARG A 374 -1.21 -24.28 -7.36
C ARG A 374 -1.26 -25.30 -8.46
N VAL A 375 -2.19 -26.25 -8.32
CA VAL A 375 -2.45 -27.22 -9.37
C VAL A 375 -3.70 -26.78 -10.12
N GLN A 376 -3.79 -27.24 -11.37
CA GLN A 376 -4.92 -26.89 -12.23
C GLN A 376 -6.21 -27.46 -11.66
N GLY A 377 -7.22 -26.62 -11.60
CA GLY A 377 -8.50 -27.04 -11.10
C GLY A 377 -8.63 -26.98 -9.61
N ASP A 378 -7.53 -26.81 -8.89
CA ASP A 378 -7.63 -26.51 -7.48
C ASP A 378 -8.31 -25.17 -7.29
N LYS A 379 -9.48 -25.20 -6.64
CA LYS A 379 -10.18 -23.97 -6.27
C LYS A 379 -9.26 -22.97 -5.56
N ARG A 380 -8.44 -23.45 -4.61
CA ARG A 380 -7.66 -22.59 -3.74
C ARG A 380 -6.55 -21.87 -4.51
N LEU A 381 -6.09 -20.73 -3.97
CA LEU A 381 -4.94 -20.03 -4.56
C LEU A 381 -3.63 -20.78 -4.28
N SER A 382 -3.53 -21.48 -3.15
CA SER A 382 -2.38 -22.32 -2.87
C SER A 382 -2.85 -23.76 -2.70
N SER A 383 -2.33 -24.66 -3.53
CA SER A 383 -2.63 -26.06 -3.33
C SER A 383 -1.81 -26.66 -2.19
N LEU A 384 -0.80 -25.92 -1.72
CA LEU A 384 0.25 -26.38 -0.79
C LEU A 384 1.27 -25.27 -0.58
N ARG A 385 1.81 -25.33 0.63
CA ARG A 385 2.77 -24.35 1.11
C ARG A 385 3.65 -25.08 2.09
N ARG A 386 4.92 -25.24 1.75
CA ARG A 386 5.85 -25.97 2.58
CA ARG A 386 5.85 -25.95 2.62
C ARG A 386 7.15 -25.17 2.66
N CYS A 387 7.82 -25.28 3.81
CA CYS A 387 9.02 -24.53 4.09
C CYS A 387 10.21 -25.49 4.25
N CYS A 388 11.39 -25.00 3.88
CA CYS A 388 12.64 -25.71 4.14
C CYS A 388 13.67 -24.68 4.60
N ALA A 389 14.84 -25.15 5.00
CA ALA A 389 15.87 -24.25 5.50
C ALA A 389 16.61 -23.60 4.36
N LEU A 390 16.79 -22.28 4.47
CA LEU A 390 17.50 -21.48 3.47
C LEU A 390 18.89 -21.19 4.00
N THR A 391 19.85 -22.03 3.63
CA THR A 391 21.19 -21.98 4.20
C THR A 391 22.21 -21.32 3.30
N ARG A 392 21.99 -21.27 1.98
CA ARG A 392 22.91 -20.65 1.03
C ARG A 392 22.14 -19.88 -0.04
N TYR A 393 22.66 -18.71 -0.41
CA TYR A 393 22.09 -17.94 -1.53
C TYR A 393 22.58 -18.52 -2.85
N ASP A 394 22.14 -19.75 -3.11
CA ASP A 394 22.48 -20.48 -4.32
C ASP A 394 21.19 -20.84 -5.04
N ALA A 395 21.02 -20.35 -6.26
CA ALA A 395 19.76 -20.61 -6.95
C ALA A 395 19.55 -22.09 -7.17
N HIS A 396 20.59 -22.81 -7.59
CA HIS A 396 20.42 -24.24 -7.88
C HIS A 396 20.06 -25.04 -6.64
N LYS A 397 20.59 -24.66 -5.46
CA LYS A 397 20.17 -25.36 -4.26
C LYS A 397 18.73 -25.01 -3.89
N MET A 398 18.36 -23.73 -3.96
CA MET A 398 17.01 -23.32 -3.57
C MET A 398 15.96 -23.96 -4.46
N SER A 399 16.16 -23.90 -5.77
CA SER A 399 15.24 -24.56 -6.70
C SER A 399 15.19 -26.07 -6.47
N HIS A 400 16.36 -26.72 -6.34
CA HIS A 400 16.36 -28.15 -6.02
C HIS A 400 15.60 -28.41 -4.72
N ASP A 401 15.88 -27.61 -3.66
CA ASP A 401 15.20 -27.83 -2.38
C ASP A 401 13.70 -27.59 -2.50
N ALA A 402 13.28 -26.61 -3.33
CA ALA A 402 11.86 -26.39 -3.55
C ALA A 402 11.23 -27.61 -4.20
N PHE A 403 11.94 -28.26 -5.12
CA PHE A 403 11.39 -29.42 -5.81
C PHE A 403 11.23 -30.58 -4.85
N THR A 404 12.30 -30.91 -4.13
CA THR A 404 12.27 -31.94 -3.10
C THR A 404 11.07 -31.79 -2.18
N VAL A 405 10.69 -30.55 -1.90
CA VAL A 405 9.62 -30.26 -0.94
C VAL A 405 8.24 -30.26 -1.58
N ILE A 406 8.15 -30.31 -2.91
CA ILE A 406 6.86 -30.42 -3.60
C ILE A 406 6.73 -31.66 -4.48
N LYS A 407 7.80 -32.43 -4.72
CA LYS A 407 7.74 -33.49 -5.72
C LYS A 407 6.64 -34.53 -5.47
N ASN A 408 6.22 -34.72 -4.22
CA ASN A 408 5.21 -35.73 -3.89
C ASN A 408 3.80 -35.25 -4.16
N CYS A 409 3.64 -34.16 -4.91
CA CYS A 409 2.34 -33.71 -5.39
C CYS A 409 2.06 -34.28 -6.76
N ASN A 410 3.12 -34.61 -7.50
CA ASN A 410 2.99 -35.26 -8.78
C ASN A 410 2.36 -36.64 -8.58
N THR A 411 1.29 -36.92 -9.33
CA THR A 411 0.62 -38.22 -9.30
C THR A 411 0.94 -39.07 -10.52
N SER A 412 1.60 -38.50 -11.54
CA SER A 412 1.99 -39.24 -12.74
C SER A 412 2.61 -40.60 -12.40
N GLY A 413 2.42 -41.54 -13.32
CA GLY A 413 3.11 -42.82 -13.24
C GLY A 413 4.42 -42.77 -14.00
N THR A 416 8.18 -38.59 -15.36
CA THR A 416 8.58 -37.49 -16.24
C THR A 416 7.46 -36.49 -16.51
N GLU A 417 6.21 -36.91 -16.34
CA GLU A 417 5.04 -36.05 -16.45
C GLU A 417 4.71 -35.45 -15.08
N TRP A 418 3.89 -34.40 -15.10
CA TRP A 418 3.46 -33.75 -13.86
C TRP A 418 1.94 -33.62 -13.83
N SER A 419 1.33 -34.21 -12.81
CA SER A 419 -0.12 -34.24 -12.70
C SER A 419 -0.49 -34.05 -11.23
N PRO A 420 -1.44 -33.16 -10.91
CA PRO A 420 -2.15 -32.21 -11.78
C PRO A 420 -1.19 -31.14 -12.25
N PRO A 421 -1.44 -30.55 -13.41
CA PRO A 421 -0.57 -29.47 -13.87
C PRO A 421 -0.60 -28.26 -12.94
N LEU A 422 0.57 -27.63 -12.78
CA LEU A 422 0.75 -26.55 -11.84
C LEU A 422 0.37 -25.21 -12.46
N THR A 423 -0.53 -24.50 -11.78
CA THR A 423 -0.94 -23.19 -12.22
C THR A 423 -0.25 -22.05 -11.49
N MET A 424 0.63 -22.34 -10.54
CA MET A 424 1.36 -21.26 -9.89
C MET A 424 2.62 -21.79 -9.18
N LEU A 425 3.76 -21.14 -9.39
CA LEU A 425 4.94 -21.39 -8.58
C LEU A 425 5.25 -20.13 -7.77
N PHE A 426 5.80 -20.32 -6.58
CA PHE A 426 6.02 -19.20 -5.67
CA PHE A 426 6.02 -19.20 -5.66
C PHE A 426 7.11 -19.55 -4.66
N LEU A 427 8.22 -18.81 -4.69
CA LEU A 427 9.30 -18.94 -3.71
C LEU A 427 9.37 -17.65 -2.91
N CYS A 428 9.44 -17.78 -1.59
CA CYS A 428 9.54 -16.65 -0.68
C CYS A 428 10.66 -16.92 0.32
N ALA A 429 11.53 -15.93 0.50
CA ALA A 429 12.56 -16.00 1.52
C ALA A 429 12.09 -15.23 2.74
N THR A 430 12.19 -15.87 3.91
CA THR A 430 11.62 -15.32 5.14
C THR A 430 12.56 -15.62 6.29
N LYS A 431 12.18 -15.13 7.47
CA LYS A 431 12.93 -15.29 8.73
C LYS A 431 14.34 -14.72 8.61
N PHE A 432 14.40 -13.39 8.42
CA PHE A 432 15.67 -12.71 8.31
C PHE A 432 16.37 -12.61 9.66
N SER A 433 17.69 -12.74 9.63
CA SER A 433 18.53 -12.56 10.80
C SER A 433 19.68 -11.63 10.46
N ALA A 434 20.15 -10.89 11.46
CA ALA A 434 21.20 -9.91 11.20
C ALA A 434 22.47 -10.60 10.73
N SER A 435 23.20 -9.90 9.86
CA SER A 435 24.40 -10.44 9.22
C SER A 435 25.49 -9.36 9.15
#